data_3PJB
#
_entry.id   3PJB
#
_cell.length_a   104.658
_cell.length_b   104.658
_cell.length_c   216.527
_cell.angle_alpha   90.000
_cell.angle_beta   90.000
_cell.angle_gamma   120.000
#
_symmetry.space_group_name_H-M   'P 61 2 2'
#
loop_
_entity.id
_entity.type
_entity.pdbx_description
1 polymer 'Red fluorescent protein eqFP578'
2 non-polymer GLYCEROL
3 water water
#
_entity_poly.entity_id   1
_entity_poly.type   'polypeptide(L)'
_entity_poly.pdbx_seq_one_letter_code
;MSELIKENMHMKLYMEGTVNNHHFKCTSEGEGKPYEGTQTMKIKVVEGGPLPFAFDILATSF(NRQ)SKTFINHTQGIPD
FFKQSFPEGFTWERITTYEDGGVLTATQDTSLQNGCIIYNVKINGVNFPSNGSVMQKKTLGWEANTEMLYPADGGLRGHS
QMALKLVGGGYLHCSFKTTYRSKKPAKNLKMPGFHFVDHRLERIKEADKETYVEQHEMAVAKYCDLPSKLGHR
;
_entity_poly.pdbx_strand_id   A,B
#
loop_
_chem_comp.id
_chem_comp.type
_chem_comp.name
_chem_comp.formula
GOL non-polymer GLYCEROL 'C3 H8 O3'
#
# COMPACT_ATOMS: atom_id res chain seq x y z
N SER A 2 17.64 -10.42 21.26
CA SER A 2 18.53 -10.43 20.13
C SER A 2 19.90 -9.83 20.43
N GLU A 3 20.63 -10.39 21.36
CA GLU A 3 21.76 -9.63 21.83
C GLU A 3 23.06 -9.77 21.02
N LEU A 4 23.05 -10.57 19.95
CA LEU A 4 24.04 -10.46 18.87
C LEU A 4 23.85 -9.16 18.06
N ILE A 5 22.66 -8.59 18.11
CA ILE A 5 22.43 -7.34 17.38
C ILE A 5 22.62 -6.20 18.38
N LYS A 6 23.76 -5.51 18.21
CA LYS A 6 24.17 -4.46 19.15
C LYS A 6 23.44 -3.16 18.83
N GLU A 7 23.65 -2.16 19.66
CA GLU A 7 22.99 -0.87 19.47
C GLU A 7 23.51 -0.16 18.23
N ASN A 8 24.76 -0.43 17.85
CA ASN A 8 25.25 -0.05 16.51
C ASN A 8 25.76 -1.29 15.78
N MET A 9 25.46 -1.40 14.49
CA MET A 9 25.94 -2.52 13.68
C MET A 9 26.42 -2.02 12.35
N HIS A 10 27.48 -2.62 11.85
CA HIS A 10 28.01 -2.37 10.53
C HIS A 10 27.42 -3.39 9.54
N MET A 11 27.38 -3.02 8.26
CA MET A 11 26.94 -3.93 7.21
CA MET A 11 26.91 -3.90 7.18
C MET A 11 27.88 -3.88 6.00
N LYS A 12 27.96 -5.00 5.28
CA LYS A 12 28.68 -5.06 4.02
CA LYS A 12 28.69 -5.06 4.03
C LYS A 12 27.79 -5.79 3.04
N LEU A 13 27.80 -5.35 1.78
CA LEU A 13 26.93 -5.94 0.76
C LEU A 13 27.63 -6.19 -0.56
N TYR A 14 27.21 -7.27 -1.24
CA TYR A 14 27.64 -7.57 -2.60
C TYR A 14 26.35 -7.75 -3.39
N MET A 15 26.26 -7.10 -4.56
CA MET A 15 25.08 -7.21 -5.43
C MET A 15 25.54 -7.39 -6.85
N GLU A 16 24.90 -8.29 -7.57
CA GLU A 16 25.12 -8.31 -9.00
CA GLU A 16 25.19 -8.53 -8.98
C GLU A 16 23.86 -8.77 -9.68
N GLY A 17 23.78 -8.47 -10.96
CA GLY A 17 22.61 -8.88 -11.74
C GLY A 17 22.53 -8.19 -13.07
N THR A 18 21.33 -8.15 -13.65
CA THR A 18 21.10 -7.52 -14.94
C THR A 18 19.78 -6.76 -14.87
N VAL A 19 19.71 -5.68 -15.65
CA VAL A 19 18.44 -4.98 -15.96
C VAL A 19 18.37 -4.84 -17.47
N ASN A 20 17.34 -5.42 -18.08
CA ASN A 20 17.20 -5.46 -19.56
C ASN A 20 18.49 -6.00 -20.20
N ASN A 21 19.05 -7.05 -19.61
CA ASN A 21 20.26 -7.68 -20.14
C ASN A 21 21.54 -6.79 -20.09
N HIS A 22 21.50 -5.78 -19.25
CA HIS A 22 22.70 -4.98 -18.90
C HIS A 22 23.26 -5.46 -17.57
N HIS A 23 24.42 -6.12 -17.61
CA HIS A 23 25.04 -6.65 -16.40
C HIS A 23 25.76 -5.58 -15.56
N PHE A 24 25.73 -5.75 -14.23
CA PHE A 24 26.41 -4.82 -13.32
C PHE A 24 26.72 -5.50 -11.98
N LYS A 25 27.58 -4.88 -11.19
CA LYS A 25 27.82 -5.27 -9.80
C LYS A 25 27.92 -3.99 -8.97
N CYS A 26 27.46 -4.08 -7.73
CA CYS A 26 27.67 -3.01 -6.74
C CYS A 26 28.21 -3.61 -5.46
N THR A 27 28.91 -2.80 -4.68
CA THR A 27 29.26 -3.14 -3.31
C THR A 27 28.82 -2.00 -2.42
N SER A 28 28.64 -2.27 -1.14
CA SER A 28 28.37 -1.18 -0.22
C SER A 28 28.84 -1.54 1.18
N GLU A 29 29.03 -0.49 1.98
CA GLU A 29 29.38 -0.56 3.39
CA GLU A 29 29.23 -0.68 3.40
C GLU A 29 28.45 0.38 4.13
N GLY A 30 28.00 0.04 5.31
CA GLY A 30 27.18 0.99 6.05
C GLY A 30 27.17 0.74 7.53
N GLU A 31 26.40 1.57 8.24
CA GLU A 31 26.27 1.47 9.68
C GLU A 31 24.86 1.93 10.03
N GLY A 32 24.29 1.38 11.07
CA GLY A 32 23.03 1.94 11.54
C GLY A 32 22.76 1.60 13.00
N LYS A 33 21.61 2.04 13.48
CA LYS A 33 21.18 1.74 14.83
C LYS A 33 19.97 0.83 14.75
N PRO A 34 20.19 -0.49 14.88
CA PRO A 34 19.08 -1.44 14.57
C PRO A 34 17.81 -1.19 15.36
N TYR A 35 17.91 -0.76 16.62
CA TYR A 35 16.72 -0.57 17.45
C TYR A 35 16.05 0.78 17.29
N GLU A 36 16.79 1.75 16.77
CA GLU A 36 16.21 3.04 16.48
C GLU A 36 15.64 3.11 15.05
N GLY A 37 15.94 2.09 14.25
CA GLY A 37 15.33 1.95 12.93
C GLY A 37 16.00 2.86 11.92
N THR A 38 17.28 3.20 12.13
CA THR A 38 17.94 4.11 11.22
C THR A 38 19.21 3.46 10.66
N GLN A 39 19.56 3.77 9.42
CA GLN A 39 20.77 3.23 8.82
C GLN A 39 21.22 4.04 7.59
N THR A 40 22.51 3.92 7.30
CA THR A 40 23.09 4.59 6.15
C THR A 40 24.04 3.65 5.45
N MET A 41 23.99 3.63 4.12
CA MET A 41 24.81 2.78 3.32
CA MET A 41 24.82 2.78 3.30
C MET A 41 25.52 3.61 2.24
N LYS A 42 26.82 3.38 2.07
CA LYS A 42 27.59 4.01 0.99
C LYS A 42 27.78 2.98 -0.11
N ILE A 43 27.21 3.28 -1.26
CA ILE A 43 27.11 2.32 -2.37
C ILE A 43 27.95 2.70 -3.59
N LYS A 44 28.71 1.75 -4.11
CA LYS A 44 29.48 1.96 -5.34
C LYS A 44 29.07 0.97 -6.41
N VAL A 45 28.92 1.48 -7.62
CA VAL A 45 28.86 0.65 -8.81
C VAL A 45 30.26 0.29 -9.26
N VAL A 46 30.57 -1.00 -9.22
CA VAL A 46 31.97 -1.44 -9.45
C VAL A 46 32.14 -2.19 -10.76
N GLU A 47 31.03 -2.56 -11.40
CA GLU A 47 31.06 -3.15 -12.74
CA GLU A 47 31.07 -3.14 -12.74
C GLU A 47 29.81 -2.75 -13.50
N GLY A 48 29.95 -2.48 -14.79
CA GLY A 48 28.80 -2.13 -15.63
C GLY A 48 28.34 -0.69 -15.50
N GLY A 49 29.16 0.17 -14.89
CA GLY A 49 28.80 1.56 -14.69
C GLY A 49 29.35 2.45 -15.82
N PRO A 50 28.77 3.65 -15.97
CA PRO A 50 27.62 4.10 -15.16
C PRO A 50 26.39 3.28 -15.59
N LEU A 51 25.49 2.97 -14.68
CA LEU A 51 24.36 2.13 -15.05
C LEU A 51 23.51 2.83 -16.10
N PRO A 52 23.11 2.09 -17.16
CA PRO A 52 22.21 2.61 -18.18
C PRO A 52 20.74 2.51 -17.76
N PHE A 53 20.44 2.76 -16.50
CA PHE A 53 19.06 2.78 -16.04
C PHE A 53 19.06 3.49 -14.69
N ALA A 54 17.89 3.91 -14.21
CA ALA A 54 17.78 4.63 -12.94
C ALA A 54 18.22 3.80 -11.74
N PHE A 55 19.15 4.32 -10.95
CA PHE A 55 19.58 3.66 -9.74
C PHE A 55 18.40 3.45 -8.81
N ASP A 56 17.40 4.34 -8.88
CA ASP A 56 16.22 4.21 -8.01
C ASP A 56 15.59 2.79 -8.02
N ILE A 57 15.64 2.08 -9.13
CA ILE A 57 14.97 0.76 -9.15
C ILE A 57 15.73 -0.29 -8.28
N LEU A 58 16.94 0.04 -7.86
CA LEU A 58 17.75 -0.84 -6.98
C LEU A 58 17.65 -0.49 -5.50
N ALA A 59 17.02 0.64 -5.20
CA ALA A 59 17.14 1.24 -3.88
C ALA A 59 16.63 0.29 -2.76
N THR A 60 15.49 -0.38 -3.00
CA THR A 60 14.94 -1.29 -1.98
C THR A 60 15.69 -2.62 -1.86
N SER A 61 16.68 -2.82 -2.68
CA SER A 61 17.44 -4.09 -2.70
C SER A 61 18.72 -3.98 -1.83
N PHE A 62 19.11 -2.76 -1.46
CA PHE A 62 20.27 -2.59 -0.56
C PHE A 62 20.07 -2.81 0.85
N1 NRQ A 63 18.94 -2.41 1.44
N1 NRQ A 63 18.97 -2.42 1.44
CE NRQ A 63 20.47 1.67 2.61
CE NRQ A 63 20.47 1.67 2.61
SD NRQ A 63 18.85 1.90 3.05
SD NRQ A 63 18.85 1.90 3.05
CG1 NRQ A 63 18.24 0.25 2.97
CG1 NRQ A 63 18.24 0.24 2.97
CB1 NRQ A 63 18.16 -0.34 1.59
CB1 NRQ A 63 18.17 -0.36 1.60
CA1 NRQ A 63 17.79 -1.80 1.60
CA1 NRQ A 63 17.86 -1.84 1.62
C1 NRQ A 63 16.34 -2.13 1.74
C1 NRQ A 63 16.41 -2.16 1.75
N2 NRQ A 63 15.40 -1.27 1.71
N2 NRQ A 63 15.52 -1.26 1.69
OH NRQ A 63 11.18 3.71 2.10
OH NRQ A 63 7.80 -1.49 1.46
CD2 NRQ A 63 11.17 0.13 1.28
CD2 NRQ A 63 11.10 -0.13 1.33
CE2 NRQ A 63 10.77 1.46 1.38
CE2 NRQ A 63 9.71 -0.24 1.26
CZ NRQ A 63 11.55 2.42 2.00
CZ NRQ A 63 9.01 -1.43 1.57
CE1 NRQ A 63 12.77 2.05 2.52
CE1 NRQ A 63 9.78 -2.56 1.93
CD1 NRQ A 63 13.17 0.73 2.40
CD1 NRQ A 63 11.17 -2.47 2.00
CG2 NRQ A 63 12.40 -0.22 1.79
CG2 NRQ A 63 11.82 -1.26 1.74
CB2 NRQ A 63 12.95 -1.54 1.81
CB2 NRQ A 63 13.21 -1.13 1.77
CA2 NRQ A 63 14.21 -1.97 1.80
CA2 NRQ A 63 14.31 -1.88 1.77
C2 NRQ A 63 14.53 -3.41 1.89
C2 NRQ A 63 14.53 -3.35 1.89
O2 NRQ A 63 13.84 -4.33 1.98
O2 NRQ A 63 13.83 -4.28 1.97
N3 NRQ A 63 15.89 -3.43 1.84
N3 NRQ A 63 15.90 -3.43 1.85
CA3 NRQ A 63 16.66 -4.63 1.87
CA3 NRQ A 63 16.64 -4.64 1.91
C3 NRQ A 63 17.38 -5.00 3.14
C3 NRQ A 63 17.39 -5.00 3.17
O3 NRQ A 63 18.05 -5.99 3.07
O3 NRQ A 63 18.06 -5.99 3.08
N SER A 64 17.20 -4.23 4.14
CA SER A 64 18.09 -4.28 5.30
C SER A 64 17.21 -4.24 6.54
N LYS A 65 16.45 -5.33 6.74
CA LYS A 65 15.30 -5.32 7.65
C LYS A 65 15.66 -5.44 9.11
N THR A 66 16.92 -5.71 9.39
CA THR A 66 17.37 -5.76 10.80
C THR A 66 17.24 -4.37 11.45
N PHE A 67 17.20 -3.32 10.62
CA PHE A 67 17.16 -1.95 11.15
C PHE A 67 15.75 -1.33 11.16
N ILE A 68 14.86 -1.94 11.90
CA ILE A 68 13.51 -1.41 12.05
C ILE A 68 13.26 -1.18 13.55
N ASN A 69 12.75 -0.02 13.91
CA ASN A 69 12.34 0.23 15.28
C ASN A 69 11.00 -0.45 15.58
N HIS A 70 10.94 -1.28 16.61
CA HIS A 70 9.69 -1.96 16.95
C HIS A 70 8.95 -1.29 18.08
N THR A 71 7.77 -0.77 17.77
CA THR A 71 6.96 -0.13 18.80
C THR A 71 5.80 -1.05 19.18
N GLN A 72 5.08 -0.69 20.25
CA GLN A 72 3.81 -1.33 20.58
C GLN A 72 3.95 -2.82 20.82
N GLY A 73 5.16 -3.25 21.17
CA GLY A 73 5.43 -4.63 21.53
C GLY A 73 5.50 -5.62 20.39
N ILE A 74 5.55 -5.12 19.16
CA ILE A 74 5.58 -6.04 18.00
C ILE A 74 6.88 -6.85 17.99
N PRO A 75 6.78 -8.20 17.95
CA PRO A 75 7.97 -9.06 17.87
C PRO A 75 8.74 -8.81 16.60
N ASP A 76 10.04 -9.09 16.66
CA ASP A 76 10.96 -8.72 15.60
C ASP A 76 11.45 -9.99 14.94
N PHE A 77 10.76 -10.38 13.85
CA PHE A 77 11.09 -11.56 13.09
C PHE A 77 12.56 -11.56 12.67
N PHE A 78 13.07 -10.37 12.34
CA PHE A 78 14.39 -10.29 11.75
C PHE A 78 15.49 -10.42 12.79
N LYS A 79 15.44 -9.59 13.82
CA LYS A 79 16.46 -9.68 14.89
C LYS A 79 16.44 -11.05 15.61
N GLN A 80 15.28 -11.66 15.74
CA GLN A 80 15.17 -12.99 16.35
C GLN A 80 15.85 -14.10 15.53
N SER A 81 16.07 -13.84 14.25
CA SER A 81 16.60 -14.86 13.35
CA SER A 81 16.60 -14.88 13.37
C SER A 81 18.11 -15.10 13.52
N PHE A 82 18.81 -14.18 14.16
CA PHE A 82 20.26 -14.31 14.29
C PHE A 82 20.56 -15.33 15.39
N PRO A 83 21.73 -15.99 15.32
CA PRO A 83 22.86 -15.77 14.42
C PRO A 83 22.67 -16.30 12.98
N GLU A 84 21.69 -17.17 12.75
CA GLU A 84 21.52 -17.82 11.45
C GLU A 84 21.16 -16.78 10.36
N GLY A 85 20.34 -15.81 10.74
CA GLY A 85 19.93 -14.79 9.79
C GLY A 85 18.72 -15.22 8.98
N PHE A 86 18.48 -14.54 7.86
CA PHE A 86 17.24 -14.74 7.13
C PHE A 86 17.46 -14.40 5.66
N THR A 87 16.49 -14.73 4.79
CA THR A 87 16.59 -14.39 3.36
C THR A 87 15.34 -13.57 3.00
N TRP A 88 15.41 -12.84 1.89
CA TRP A 88 14.18 -12.26 1.35
C TRP A 88 14.17 -12.46 -0.16
N GLU A 89 12.98 -12.38 -0.74
CA GLU A 89 12.87 -12.57 -2.16
C GLU A 89 11.67 -11.72 -2.60
N ARG A 90 11.75 -11.10 -3.79
CA ARG A 90 10.78 -10.03 -4.06
C ARG A 90 10.62 -9.83 -5.54
N ILE A 91 9.41 -9.44 -5.95
CA ILE A 91 9.25 -8.98 -7.33
C ILE A 91 8.52 -7.66 -7.29
N THR A 92 9.09 -6.65 -7.95
CA THR A 92 8.47 -5.32 -8.07
C THR A 92 7.98 -5.14 -9.50
N THR A 93 6.69 -4.83 -9.65
CA THR A 93 6.10 -4.59 -10.96
C THR A 93 5.87 -3.09 -11.17
N TYR A 94 6.34 -2.55 -12.29
CA TYR A 94 6.25 -1.07 -12.56
C TYR A 94 5.10 -0.81 -13.54
N GLU A 95 4.45 0.33 -13.35
CA GLU A 95 3.31 0.78 -14.17
C GLU A 95 3.51 0.67 -15.69
N ASP A 96 4.60 1.20 -16.20
N ASP A 96 4.75 0.97 -16.05
CA ASP A 96 4.71 1.37 -17.67
CA ASP A 96 5.28 1.03 -17.42
C ASP A 96 5.40 0.16 -18.30
C ASP A 96 5.50 -0.35 -18.08
N GLY A 97 5.46 -0.95 -17.55
N GLY A 97 5.55 -1.40 -17.26
CA GLY A 97 6.12 -2.14 -18.02
CA GLY A 97 5.68 -2.76 -17.74
C GLY A 97 7.49 -2.24 -17.35
C GLY A 97 7.00 -3.45 -17.35
N GLY A 98 7.92 -3.46 -17.12
N GLY A 98 7.92 -2.72 -16.69
CA GLY A 98 9.20 -3.65 -16.47
CA GLY A 98 9.19 -3.30 -16.26
C GLY A 98 8.93 -4.22 -15.09
C GLY A 98 9.00 -4.07 -14.95
N VAL A 99 9.79 -5.11 -14.70
CA VAL A 99 9.76 -5.73 -13.37
C VAL A 99 11.17 -5.90 -12.87
N LEU A 100 11.33 -5.84 -11.57
CA LEU A 100 12.67 -5.95 -10.96
C LEU A 100 12.52 -7.05 -9.90
N THR A 101 13.13 -8.21 -10.23
CA THR A 101 13.07 -9.33 -9.29
C THR A 101 14.38 -9.38 -8.50
N ALA A 102 14.36 -9.69 -7.15
CA ALA A 102 15.59 -9.73 -6.35
C ALA A 102 15.50 -10.81 -5.30
N THR A 103 16.62 -11.50 -5.12
CA THR A 103 16.69 -12.45 -4.02
CA THR A 103 16.75 -12.57 -4.12
C THR A 103 17.95 -12.19 -3.21
N GLN A 104 17.78 -12.28 -1.91
CA GLN A 104 18.81 -11.79 -0.97
C GLN A 104 19.05 -12.75 0.18
N ASP A 105 20.30 -12.82 0.62
CA ASP A 105 20.65 -13.53 1.87
C ASP A 105 21.26 -12.55 2.87
N THR A 106 20.82 -12.64 4.13
CA THR A 106 21.33 -11.83 5.22
C THR A 106 22.00 -12.77 6.23
N SER A 107 23.27 -12.51 6.52
CA SER A 107 24.00 -13.36 7.49
C SER A 107 24.77 -12.47 8.45
N LEU A 108 25.38 -13.06 9.46
CA LEU A 108 26.16 -12.31 10.44
C LEU A 108 27.51 -13.02 10.54
N GLN A 109 28.57 -12.28 10.23
CA GLN A 109 29.93 -12.83 10.19
C GLN A 109 30.89 -11.94 10.96
N ASN A 110 31.52 -12.49 12.00
CA ASN A 110 32.47 -11.70 12.79
C ASN A 110 31.88 -10.36 13.21
N GLY A 111 30.62 -10.36 13.62
CA GLY A 111 29.96 -9.17 14.15
C GLY A 111 29.44 -8.18 13.11
N CYS A 112 29.67 -8.47 11.84
CA CYS A 112 29.23 -7.58 10.74
C CYS A 112 28.07 -8.24 10.02
N ILE A 113 27.02 -7.47 9.70
CA ILE A 113 25.87 -8.05 8.98
C ILE A 113 26.25 -8.06 7.51
N ILE A 114 26.03 -9.18 6.80
CA ILE A 114 26.48 -9.32 5.43
C ILE A 114 25.27 -9.60 4.49
N TYR A 115 25.17 -8.82 3.41
CA TYR A 115 24.09 -8.96 2.42
C TYR A 115 24.66 -9.47 1.12
N ASN A 116 24.01 -10.50 0.55
CA ASN A 116 24.34 -10.97 -0.77
C ASN A 116 23.08 -10.89 -1.61
N VAL A 117 23.11 -10.16 -2.72
CA VAL A 117 21.89 -9.87 -3.49
C VAL A 117 22.04 -10.20 -4.97
N LYS A 118 21.01 -10.83 -5.55
CA LYS A 118 21.01 -11.08 -7.01
C LYS A 118 19.81 -10.37 -7.63
N ILE A 119 20.04 -9.65 -8.74
CA ILE A 119 19.03 -8.79 -9.35
C ILE A 119 18.70 -9.27 -10.77
N ASN A 120 17.41 -9.33 -11.11
CA ASN A 120 17.02 -9.70 -12.44
C ASN A 120 15.87 -8.78 -12.83
N GLY A 121 16.16 -7.72 -13.61
CA GLY A 121 15.14 -6.76 -14.03
C GLY A 121 14.95 -6.96 -15.53
N VAL A 122 13.69 -6.94 -15.96
CA VAL A 122 13.37 -7.25 -17.36
C VAL A 122 12.24 -6.38 -17.90
N ASN A 123 12.25 -6.21 -19.23
CA ASN A 123 11.16 -5.56 -19.97
C ASN A 123 10.89 -4.10 -19.64
N PHE A 124 11.84 -3.38 -19.08
CA PHE A 124 11.59 -1.94 -18.91
C PHE A 124 11.56 -1.29 -20.30
N PRO A 125 10.60 -0.40 -20.56
CA PRO A 125 10.54 0.19 -21.90
C PRO A 125 11.86 0.87 -22.23
N SER A 126 12.45 0.58 -23.38
CA SER A 126 13.77 1.12 -23.72
C SER A 126 13.81 2.66 -23.73
N ASN A 127 12.72 3.29 -24.11
CA ASN A 127 12.68 4.76 -24.09
C ASN A 127 11.86 5.33 -22.93
N GLY A 128 11.65 4.50 -21.90
CA GLY A 128 10.86 4.91 -20.75
C GLY A 128 11.67 5.65 -19.69
N SER A 129 11.00 6.04 -18.62
CA SER A 129 11.64 6.86 -17.58
C SER A 129 12.77 6.14 -16.88
N VAL A 130 12.59 4.85 -16.61
CA VAL A 130 13.66 4.11 -15.95
C VAL A 130 14.91 3.96 -16.85
N MET A 131 14.76 3.50 -18.09
CA MET A 131 15.95 3.20 -18.90
C MET A 131 16.61 4.53 -19.36
N GLN A 132 15.80 5.58 -19.41
CA GLN A 132 16.33 6.92 -19.83
C GLN A 132 16.79 7.77 -18.63
N LYS A 133 16.74 7.20 -17.43
CA LYS A 133 17.26 7.84 -16.21
C LYS A 133 16.57 9.18 -15.96
N LYS A 134 15.24 9.16 -16.00
CA LYS A 134 14.43 10.36 -15.79
C LYS A 134 13.64 10.29 -14.49
N THR A 135 14.23 9.71 -13.44
CA THR A 135 13.53 9.58 -12.18
C THR A 135 14.25 10.35 -11.07
N LEU A 136 13.53 10.70 -10.01
CA LEU A 136 14.03 11.60 -8.97
C LEU A 136 13.72 11.12 -7.53
N GLY A 137 13.71 9.79 -7.35
CA GLY A 137 13.65 9.21 -6.03
C GLY A 137 12.22 8.89 -5.55
N TRP A 138 12.14 8.29 -4.36
CA TRP A 138 10.89 7.65 -3.89
C TRP A 138 10.17 8.51 -2.88
N GLU A 139 8.84 8.53 -2.96
CA GLU A 139 8.06 8.96 -1.80
C GLU A 139 8.13 7.93 -0.68
N ALA A 140 7.68 8.35 0.50
CA ALA A 140 7.53 7.45 1.64
C ALA A 140 6.44 6.40 1.38
N ASN A 141 6.44 5.34 2.17
CA ASN A 141 5.36 4.32 2.08
C ASN A 141 5.28 3.49 3.34
N THR A 142 4.27 2.63 3.42
CA THR A 142 4.10 1.72 4.56
CA THR A 142 4.15 1.70 4.55
C THR A 142 3.96 0.28 4.05
N GLU A 143 4.82 -0.62 4.50
CA GLU A 143 4.74 -2.03 4.10
C GLU A 143 3.73 -2.71 5.03
N MET A 144 2.95 -3.66 4.49
CA MET A 144 2.13 -4.50 5.34
C MET A 144 2.81 -5.83 5.47
N LEU A 145 2.88 -6.37 6.70
CA LEU A 145 3.59 -7.63 6.97
C LEU A 145 2.66 -8.54 7.78
N TYR A 146 2.58 -9.80 7.40
CA TYR A 146 1.85 -10.80 8.19
C TYR A 146 2.38 -12.20 7.93
N PRO A 147 2.14 -13.16 8.84
CA PRO A 147 2.73 -14.49 8.63
C PRO A 147 2.21 -15.16 7.37
N ALA A 148 3.07 -15.89 6.69
CA ALA A 148 2.59 -16.75 5.58
C ALA A 148 3.25 -18.09 5.66
N ASP A 149 2.87 -19.01 4.78
CA ASP A 149 3.48 -20.34 4.84
C ASP A 149 4.98 -20.15 4.67
N GLY A 150 5.72 -20.44 5.73
CA GLY A 150 7.17 -20.47 5.63
C GLY A 150 7.90 -19.23 6.11
N GLY A 151 7.21 -18.24 6.66
CA GLY A 151 7.88 -17.01 7.08
C GLY A 151 6.95 -15.82 7.19
N LEU A 152 7.39 -14.65 6.70
CA LEU A 152 6.55 -13.44 6.77
C LEU A 152 6.35 -12.96 5.35
N ARG A 153 5.14 -12.51 5.02
CA ARG A 153 4.82 -12.00 3.68
C ARG A 153 4.70 -10.48 3.79
N GLY A 154 5.30 -9.78 2.84
CA GLY A 154 5.14 -8.33 2.80
C GLY A 154 4.46 -7.93 1.51
N HIS A 155 3.69 -6.86 1.57
CA HIS A 155 3.11 -6.27 0.35
C HIS A 155 3.32 -4.76 0.45
N SER A 156 3.69 -4.16 -0.68
CA SER A 156 4.07 -2.76 -0.67
C SER A 156 3.63 -2.09 -1.94
N GLN A 157 3.54 -0.77 -1.90
CA GLN A 157 3.41 0.00 -3.13
C GLN A 157 4.27 1.27 -2.94
N MET A 158 4.83 1.77 -4.04
CA MET A 158 5.69 2.93 -3.93
C MET A 158 5.49 3.82 -5.15
N ALA A 159 5.75 5.12 -4.96
CA ALA A 159 5.63 6.07 -6.06
C ALA A 159 7.00 6.69 -6.34
N LEU A 160 7.39 6.64 -7.60
CA LEU A 160 8.68 7.14 -8.07
C LEU A 160 8.51 8.49 -8.73
N LYS A 161 9.19 9.52 -8.20
CA LYS A 161 9.06 10.86 -8.80
C LYS A 161 9.76 10.91 -10.18
N LEU A 162 9.17 11.69 -11.10
CA LEU A 162 9.66 11.77 -12.46
C LEU A 162 10.15 13.20 -12.82
N VAL A 163 11.19 13.25 -13.62
CA VAL A 163 11.67 14.54 -14.12
C VAL A 163 10.49 15.18 -14.83
N GLY A 164 10.23 16.44 -14.53
CA GLY A 164 9.13 17.12 -15.21
C GLY A 164 7.83 17.00 -14.44
N GLY A 165 7.83 16.24 -13.35
CA GLY A 165 6.66 16.13 -12.49
C GLY A 165 5.93 14.80 -12.74
N GLY A 166 5.01 14.48 -11.87
CA GLY A 166 4.29 13.23 -12.00
C GLY A 166 5.12 12.08 -11.39
N TYR A 167 4.52 10.89 -11.48
CA TYR A 167 4.96 9.71 -10.71
C TYR A 167 4.79 8.47 -11.56
N LEU A 168 5.66 7.48 -11.30
CA LEU A 168 5.47 6.16 -11.87
C LEU A 168 5.17 5.27 -10.64
N HIS A 169 4.08 4.48 -10.69
CA HIS A 169 3.71 3.69 -9.54
C HIS A 169 4.32 2.28 -9.71
N CYS A 170 4.66 1.65 -8.59
CA CYS A 170 5.02 0.21 -8.61
C CYS A 170 4.43 -0.47 -7.37
N SER A 171 4.35 -1.81 -7.43
CA SER A 171 4.00 -2.55 -6.23
C SER A 171 4.93 -3.75 -6.12
N PHE A 172 5.08 -4.29 -4.92
CA PHE A 172 5.86 -5.51 -4.79
C PHE A 172 5.35 -6.42 -3.69
N LYS A 173 5.73 -7.68 -3.81
CA LYS A 173 5.36 -8.71 -2.83
C LYS A 173 6.66 -9.38 -2.43
N THR A 174 6.84 -9.56 -1.13
CA THR A 174 8.12 -10.08 -0.65
C THR A 174 7.81 -11.28 0.25
N THR A 175 8.71 -12.25 0.27
CA THR A 175 8.65 -13.27 1.32
C THR A 175 9.97 -13.28 2.08
N TYR A 176 9.86 -13.22 3.41
CA TYR A 176 11.04 -13.20 4.29
C TYR A 176 11.07 -14.58 4.96
N ARG A 177 12.23 -15.25 4.92
CA ARG A 177 12.35 -16.62 5.48
C ARG A 177 13.47 -16.65 6.51
N SER A 178 13.16 -17.05 7.74
CA SER A 178 14.23 -17.22 8.74
C SER A 178 15.08 -18.48 8.46
N LYS A 179 16.39 -18.41 8.71
CA LYS A 179 17.24 -19.60 8.61
C LYS A 179 17.31 -20.28 9.99
N LYS A 180 16.53 -19.78 10.93
CA LYS A 180 16.49 -20.31 12.29
C LYS A 180 15.26 -21.21 12.48
N PRO A 181 15.40 -22.27 13.29
CA PRO A 181 14.21 -23.10 13.52
C PRO A 181 13.02 -22.33 14.10
N ALA A 182 11.83 -22.61 13.58
CA ALA A 182 10.64 -21.80 13.85
C ALA A 182 10.07 -21.97 15.25
N LYS A 183 10.34 -23.12 15.85
CA LYS A 183 9.90 -23.38 17.21
C LYS A 183 10.63 -22.41 18.14
N ASN A 184 11.68 -21.79 17.61
CA ASN A 184 12.46 -20.82 18.36
C ASN A 184 12.11 -19.35 18.04
N LEU A 185 10.97 -19.12 17.39
CA LEU A 185 10.58 -17.76 17.01
C LEU A 185 9.24 -17.36 17.64
N LYS A 186 9.20 -16.14 18.16
CA LYS A 186 7.93 -15.51 18.49
C LYS A 186 7.41 -14.72 17.27
N MET A 187 6.40 -15.23 16.58
CA MET A 187 5.97 -14.59 15.32
C MET A 187 5.13 -13.35 15.58
N PRO A 188 5.35 -12.28 14.79
CA PRO A 188 4.48 -11.12 14.91
C PRO A 188 3.12 -11.40 14.27
N GLY A 189 2.12 -10.60 14.58
CA GLY A 189 0.86 -10.65 13.85
C GLY A 189 0.92 -9.58 12.76
N PHE A 190 -0.21 -9.38 12.09
CA PHE A 190 -0.34 -8.34 11.07
C PHE A 190 0.10 -6.97 11.62
N HIS A 191 0.99 -6.29 10.89
CA HIS A 191 1.30 -4.92 11.22
C HIS A 191 1.93 -4.19 10.02
N PHE A 192 2.37 -2.98 10.30
CA PHE A 192 2.97 -2.09 9.28
C PHE A 192 4.40 -1.74 9.59
N VAL A 193 5.15 -1.44 8.52
CA VAL A 193 6.46 -0.78 8.69
C VAL A 193 6.39 0.51 7.89
N ASP A 194 6.44 1.62 8.63
CA ASP A 194 6.37 2.99 8.14
C ASP A 194 7.82 3.33 7.79
N HIS A 195 8.09 3.63 6.56
CA HIS A 195 9.39 3.64 5.88
C HIS A 195 9.69 5.01 5.25
N ARG A 196 10.94 5.41 5.17
CA ARG A 196 11.28 6.49 4.24
C ARG A 196 12.74 6.41 3.83
N LEU A 197 12.99 6.54 2.52
CA LEU A 197 14.34 6.44 1.93
C LEU A 197 14.79 7.86 1.56
N GLU A 198 16.05 8.18 1.76
CA GLU A 198 16.56 9.48 1.35
C GLU A 198 17.97 9.25 0.84
N ARG A 199 18.48 10.18 0.03
CA ARG A 199 19.89 10.14 -0.31
C ARG A 199 20.59 11.23 0.52
N ILE A 200 21.82 10.94 0.89
CA ILE A 200 22.69 11.92 1.57
C ILE A 200 23.51 12.66 0.51
N LYS A 201 24.13 11.88 -0.37
CA LYS A 201 24.88 12.43 -1.50
C LYS A 201 24.95 11.41 -2.64
N GLU A 202 25.29 11.89 -3.83
CA GLU A 202 25.50 11.02 -4.99
C GLU A 202 26.49 11.71 -5.90
N ALA A 203 27.15 10.95 -6.77
CA ALA A 203 28.09 11.57 -7.70
C ALA A 203 28.28 10.70 -8.93
N ASP A 204 28.67 11.35 -10.02
CA ASP A 204 29.17 10.68 -11.21
C ASP A 204 28.11 9.71 -11.76
N LYS A 205 26.94 10.26 -12.07
CA LYS A 205 25.87 9.48 -12.73
C LYS A 205 25.46 8.26 -11.88
N GLU A 206 25.35 8.51 -10.60
CA GLU A 206 24.92 7.51 -9.60
C GLU A 206 25.90 6.35 -9.46
N THR A 207 27.17 6.54 -9.83
CA THR A 207 28.12 5.43 -9.59
C THR A 207 28.56 5.42 -8.12
N TYR A 208 28.26 6.50 -7.41
CA TYR A 208 28.36 6.49 -5.95
C TYR A 208 27.04 7.05 -5.44
N VAL A 209 26.40 6.35 -4.52
CA VAL A 209 25.14 6.84 -3.89
C VAL A 209 25.20 6.50 -2.42
N GLU A 210 24.93 7.49 -1.57
CA GLU A 210 24.85 7.21 -0.14
C GLU A 210 23.36 7.35 0.25
N GLN A 211 22.79 6.24 0.72
CA GLN A 211 21.36 6.14 0.97
C GLN A 211 21.12 5.97 2.46
N HIS A 212 20.03 6.56 2.97
CA HIS A 212 19.65 6.48 4.37
C HIS A 212 18.18 6.02 4.47
N GLU A 213 17.87 5.22 5.49
CA GLU A 213 16.49 4.81 5.71
C GLU A 213 16.13 4.99 7.18
N MET A 214 14.87 5.34 7.44
N MET A 214 14.88 5.37 7.42
CA MET A 214 14.30 5.31 8.78
CA MET A 214 14.28 5.30 8.74
C MET A 214 13.05 4.41 8.69
C MET A 214 13.14 4.30 8.60
N ALA A 215 12.91 3.45 9.60
CA ALA A 215 11.79 2.51 9.55
C ALA A 215 11.22 2.21 10.95
N VAL A 216 9.91 2.22 11.07
CA VAL A 216 9.24 1.95 12.33
C VAL A 216 8.07 0.96 12.15
N ALA A 217 8.11 -0.16 12.88
CA ALA A 217 7.00 -1.13 12.90
C ALA A 217 5.95 -0.65 13.90
N LYS A 218 4.68 -0.64 13.48
CA LYS A 218 3.60 -0.10 14.30
C LYS A 218 2.30 -0.69 13.83
N TYR A 219 1.25 -0.48 14.63
CA TYR A 219 -0.10 -0.83 14.20
C TYR A 219 -0.76 0.44 13.69
N CYS A 220 -2.02 0.30 13.23
CA CYS A 220 -2.82 1.42 12.76
C CYS A 220 -2.76 2.54 13.78
N ASP A 221 -2.47 3.75 13.34
CA ASP A 221 -2.30 4.86 14.26
C ASP A 221 -3.56 5.73 14.43
N LEU A 222 -4.70 5.24 13.96
CA LEU A 222 -5.95 6.01 14.09
C LEU A 222 -6.70 5.58 15.35
N PRO A 223 -7.33 6.53 16.03
CA PRO A 223 -8.15 6.19 17.20
C PRO A 223 -9.19 5.11 16.91
N SER A 224 -9.70 4.52 17.99
CA SER A 224 -10.86 3.62 17.92
C SER A 224 -10.53 2.29 17.28
N SER B 2 -15.28 25.53 0.94
CA SER B 2 -16.34 24.61 0.53
C SER B 2 -17.62 24.85 1.33
N GLU B 3 -18.25 26.01 1.14
CA GLU B 3 -19.33 26.49 2.03
C GLU B 3 -20.61 25.61 2.08
N LEU B 4 -20.91 24.93 0.97
CA LEU B 4 -21.96 23.93 0.84
C LEU B 4 -21.75 22.67 1.68
N ILE B 5 -20.51 22.41 2.08
CA ILE B 5 -20.21 21.24 2.90
C ILE B 5 -20.17 21.70 4.34
N LYS B 6 -21.20 21.33 5.10
CA LYS B 6 -21.36 21.78 6.49
C LYS B 6 -20.59 20.89 7.45
N GLU B 7 -20.60 21.30 8.72
CA GLU B 7 -19.97 20.55 9.80
C GLU B 7 -20.53 19.15 9.94
N ASN B 8 -21.82 19.01 9.63
CA ASN B 8 -22.49 17.71 9.57
C ASN B 8 -23.19 17.62 8.25
N MET B 9 -23.13 16.44 7.63
CA MET B 9 -23.77 16.23 6.33
C MET B 9 -24.42 14.85 6.29
N HIS B 10 -25.58 14.76 5.66
CA HIS B 10 -26.27 13.48 5.48
C HIS B 10 -25.89 12.95 4.09
N MET B 11 -25.99 11.64 3.90
CA MET B 11 -25.75 11.05 2.59
C MET B 11 -26.82 10.01 2.31
N LYS B 12 -27.13 9.82 1.02
CA LYS B 12 -28.01 8.74 0.59
C LYS B 12 -27.34 8.05 -0.58
N LEU B 13 -27.53 6.74 -0.69
CA LEU B 13 -26.85 5.96 -1.73
C LEU B 13 -27.77 4.94 -2.39
N TYR B 14 -27.52 4.73 -3.68
CA TYR B 14 -28.17 3.71 -4.50
C TYR B 14 -27.05 2.90 -5.17
N MET B 15 -27.07 1.58 -4.99
CA MET B 15 -26.03 0.69 -5.56
C MET B 15 -26.70 -0.46 -6.29
N GLU B 16 -26.20 -0.80 -7.48
CA GLU B 16 -26.71 -1.97 -8.18
C GLU B 16 -25.54 -2.70 -8.82
N GLY B 17 -25.64 -4.02 -9.00
CA GLY B 17 -24.59 -4.67 -9.75
C GLY B 17 -24.69 -6.17 -9.70
N THR B 18 -23.57 -6.83 -10.00
CA THR B 18 -23.51 -8.29 -9.99
CA THR B 18 -23.49 -8.27 -10.00
C THR B 18 -22.14 -8.70 -9.46
N VAL B 19 -22.09 -9.85 -8.79
CA VAL B 19 -20.82 -10.47 -8.41
C VAL B 19 -20.93 -11.91 -8.89
N ASN B 20 -20.00 -12.35 -9.75
CA ASN B 20 -20.13 -13.68 -10.39
C ASN B 20 -21.54 -13.90 -10.95
N ASN B 21 -22.08 -12.91 -11.62
CA ASN B 21 -23.43 -13.04 -12.22
C ASN B 21 -24.61 -13.23 -11.23
N HIS B 22 -24.38 -12.91 -9.97
CA HIS B 22 -25.47 -12.78 -8.98
C HIS B 22 -25.83 -11.31 -8.87
N HIS B 23 -27.03 -10.96 -9.31
CA HIS B 23 -27.48 -9.57 -9.30
C HIS B 23 -27.97 -9.14 -7.93
N PHE B 24 -27.72 -7.87 -7.58
CA PHE B 24 -28.25 -7.36 -6.32
C PHE B 24 -28.43 -5.84 -6.39
N LYS B 25 -29.16 -5.30 -5.43
CA LYS B 25 -29.25 -3.83 -5.24
C LYS B 25 -29.18 -3.52 -3.75
N CYS B 26 -28.57 -2.37 -3.40
CA CYS B 26 -28.55 -1.88 -2.04
C CYS B 26 -28.92 -0.41 -2.05
N THR B 27 -29.43 0.04 -0.92
CA THR B 27 -29.53 1.46 -0.64
C THR B 27 -28.85 1.74 0.68
N SER B 28 -28.51 2.98 0.95
CA SER B 28 -28.07 3.31 2.28
C SER B 28 -28.37 4.77 2.60
N GLU B 29 -28.33 5.07 3.90
CA GLU B 29 -28.45 6.42 4.42
CA GLU B 29 -28.40 6.43 4.37
C GLU B 29 -27.39 6.61 5.50
N GLY B 30 -26.84 7.81 5.62
CA GLY B 30 -25.87 8.00 6.66
C GLY B 30 -25.64 9.45 7.00
N GLU B 31 -24.69 9.69 7.89
CA GLU B 31 -24.39 11.03 8.34
C GLU B 31 -22.94 11.02 8.73
N GLY B 32 -22.25 12.15 8.55
CA GLY B 32 -20.89 12.27 9.04
C GLY B 32 -20.48 13.69 9.30
N LYS B 33 -19.24 13.83 9.74
CA LYS B 33 -18.62 15.12 9.96
C LYS B 33 -17.46 15.31 8.96
N PRO B 34 -17.74 15.93 7.82
CA PRO B 34 -16.80 15.99 6.70
C PRO B 34 -15.43 16.52 7.08
N TYR B 35 -15.33 17.51 7.98
CA TYR B 35 -14.02 18.09 8.29
C TYR B 35 -13.27 17.31 9.35
N GLU B 36 -14.00 16.49 10.11
CA GLU B 36 -13.39 15.64 11.11
C GLU B 36 -13.03 14.25 10.56
N GLY B 37 -13.45 13.97 9.32
CA GLY B 37 -13.10 12.73 8.65
C GLY B 37 -13.84 11.49 9.16
N THR B 38 -15.01 11.67 9.75
CA THR B 38 -15.76 10.53 10.25
C THR B 38 -17.16 10.40 9.62
N GLN B 39 -17.63 9.17 9.49
CA GLN B 39 -18.93 8.94 8.90
C GLN B 39 -19.47 7.56 9.21
N THR B 40 -20.80 7.45 9.18
CA THR B 40 -21.46 6.17 9.41
C THR B 40 -22.61 6.02 8.44
N MET B 41 -22.76 4.80 7.93
CA MET B 41 -23.83 4.46 6.99
CA MET B 41 -23.82 4.47 6.98
C MET B 41 -24.59 3.29 7.50
N LYS B 42 -25.92 3.32 7.31
CA LYS B 42 -26.79 2.18 7.51
C LYS B 42 -27.22 1.72 6.14
N ILE B 43 -26.88 0.47 5.82
CA ILE B 43 -27.03 -0.10 4.48
C ILE B 43 -28.09 -1.20 4.46
N LYS B 44 -28.89 -1.24 3.40
CA LYS B 44 -29.85 -2.33 3.22
C LYS B 44 -29.64 -2.99 1.88
N VAL B 45 -29.62 -4.31 1.86
CA VAL B 45 -29.74 -5.06 0.61
C VAL B 45 -31.22 -5.19 0.26
N VAL B 46 -31.63 -4.60 -0.86
CA VAL B 46 -33.05 -4.51 -1.21
C VAL B 46 -33.46 -5.40 -2.37
N GLU B 47 -32.49 -5.95 -3.11
CA GLU B 47 -32.78 -6.98 -4.09
CA GLU B 47 -32.76 -6.92 -4.15
C GLU B 47 -31.60 -7.93 -4.13
N GLY B 48 -31.89 -9.21 -4.35
CA GLY B 48 -30.82 -10.21 -4.44
C GLY B 48 -30.22 -10.63 -3.10
N GLY B 49 -30.92 -10.33 -2.01
CA GLY B 49 -30.51 -10.75 -0.68
C GLY B 49 -31.11 -12.09 -0.23
N PRO B 50 -30.42 -12.78 0.72
CA PRO B 50 -29.16 -12.34 1.34
C PRO B 50 -28.04 -12.54 0.31
N LEU B 51 -27.02 -11.71 0.32
CA LEU B 51 -26.00 -11.83 -0.74
C LEU B 51 -25.29 -13.18 -0.62
N PRO B 52 -25.05 -13.84 -1.74
CA PRO B 52 -24.33 -15.12 -1.74
C PRO B 52 -22.79 -14.96 -1.83
N PHE B 53 -22.28 -13.90 -1.23
CA PHE B 53 -20.85 -13.64 -1.19
C PHE B 53 -20.57 -12.73 0.00
N ALA B 54 -19.29 -12.64 0.37
CA ALA B 54 -18.85 -11.86 1.53
C ALA B 54 -19.21 -10.39 1.36
N PHE B 55 -20.00 -9.83 2.29
CA PHE B 55 -20.35 -8.40 2.20
C PHE B 55 -19.10 -7.53 2.15
N ASP B 56 -18.02 -7.98 2.81
CA ASP B 56 -16.80 -7.17 2.87
C ASP B 56 -16.31 -6.65 1.49
N ILE B 57 -16.57 -7.40 0.41
CA ILE B 57 -16.00 -6.95 -0.90
C ILE B 57 -16.69 -5.69 -1.41
N LEU B 58 -17.85 -5.36 -0.83
CA LEU B 58 -18.55 -4.14 -1.21
C LEU B 58 -18.21 -2.94 -0.34
N ALA B 59 -17.47 -3.18 0.76
CA ALA B 59 -17.33 -2.14 1.79
C ALA B 59 -16.77 -0.80 1.29
N THR B 60 -15.75 -0.83 0.43
CA THR B 60 -15.13 0.40 -0.08
C THR B 60 -15.93 1.06 -1.20
N SER B 61 -17.05 0.45 -1.61
CA SER B 61 -17.93 1.07 -2.63
C SER B 61 -19.04 1.96 -2.03
N PHE B 62 -19.26 1.86 -0.73
CA PHE B 62 -20.26 2.71 -0.07
C PHE B 62 -19.71 4.10 0.25
N1 NRQ B 63 -18.49 4.37 0.68
N1 NRQ B 63 -18.55 4.59 0.53
CE NRQ B 63 -19.76 4.21 5.11
CE NRQ B 63 -19.65 4.19 5.13
SD NRQ B 63 -18.04 4.11 5.21
SD NRQ B 63 -17.91 4.09 5.17
CG1 NRQ B 63 -17.61 4.57 3.57
CG1 NRQ B 63 -17.53 4.64 3.56
CB1 NRQ B 63 -17.77 3.44 2.56
CB1 NRQ B 63 -17.76 3.56 2.50
CA1 NRQ B 63 -17.39 3.99 1.19
CA1 NRQ B 63 -17.55 4.13 1.10
C1 NRQ B 63 -16.03 4.15 0.72
C1 NRQ B 63 -16.17 4.16 0.70
N2 NRQ B 63 -15.01 3.74 1.39
N2 NRQ B 63 -15.25 3.64 1.43
OH NRQ B 63 -10.50 1.66 5.56
OH NRQ B 63 -7.51 3.04 0.07
CD2 NRQ B 63 -10.79 2.50 1.99
CD2 NRQ B 63 -10.66 2.60 1.60
CE2 NRQ B 63 -10.28 1.97 3.18
CE2 NRQ B 63 -9.32 2.49 1.33
CZ NRQ B 63 -10.97 2.17 4.39
CZ NRQ B 63 -8.78 3.20 0.25
CE1 NRQ B 63 -12.17 2.88 4.40
CE1 NRQ B 63 -9.57 4.03 -0.56
CD1 NRQ B 63 -12.66 3.41 3.20
CD1 NRQ B 63 -10.93 4.13 -0.26
CG2 NRQ B 63 -11.99 3.19 2.01
CG2 NRQ B 63 -11.46 3.42 0.82
CB2 NRQ B 63 -12.59 3.79 0.84
CB2 NRQ B 63 -12.86 3.42 1.23
CA2 NRQ B 63 -13.90 4.03 0.60
CA2 NRQ B 63 -14.06 3.84 0.75
C2 NRQ B 63 -14.35 4.70 -0.65
C2 NRQ B 63 -14.33 4.55 -0.54
O2 NRQ B 63 -13.70 5.11 -1.57
O2 NRQ B 63 -13.61 4.92 -1.41
N3 NRQ B 63 -15.73 4.75 -0.50
N3 NRQ B 63 -15.71 4.74 -0.49
CA3 NRQ B 63 -16.62 5.32 -1.53
CA3 NRQ B 63 -16.48 5.38 -1.57
C3 NRQ B 63 -17.11 6.72 -1.27
C3 NRQ B 63 -17.09 6.72 -1.27
O3 NRQ B 63 -17.89 7.21 -2.06
O3 NRQ B 63 -17.91 7.19 -2.04
N SER B 64 -16.72 7.32 -0.15
CA SER B 64 -17.41 8.52 0.38
C SER B 64 -16.33 9.57 0.76
N LYS B 65 -15.69 10.14 -0.25
CA LYS B 65 -14.42 10.83 -0.12
C LYS B 65 -14.57 12.27 0.42
N THR B 66 -15.80 12.73 0.52
CA THR B 66 -16.05 14.05 1.09
C THR B 66 -15.72 14.11 2.59
N PHE B 67 -15.65 12.95 3.24
CA PHE B 67 -15.48 12.89 4.68
C PHE B 67 -14.03 12.52 5.04
N ILE B 68 -13.10 13.36 4.60
CA ILE B 68 -11.68 13.18 4.95
C ILE B 68 -11.23 14.45 5.66
N ASN B 69 -10.60 14.26 6.82
CA ASN B 69 -10.00 15.36 7.55
C ASN B 69 -8.70 15.73 6.88
N HIS B 70 -8.54 17.00 6.51
CA HIS B 70 -7.30 17.42 5.86
C HIS B 70 -6.36 18.13 6.83
N THR B 71 -5.20 17.52 7.07
CA THR B 71 -4.16 18.13 7.90
C THR B 71 -3.05 18.74 7.02
N GLN B 72 -2.15 19.50 7.65
CA GLN B 72 -0.94 19.99 7.01
C GLN B 72 -1.16 20.84 5.79
N GLY B 73 -2.33 21.50 5.75
CA GLY B 73 -2.68 22.41 4.67
C GLY B 73 -3.02 21.73 3.35
N ILE B 74 -3.14 20.40 3.35
CA ILE B 74 -3.41 19.71 2.09
C ILE B 74 -4.74 20.15 1.46
N PRO B 75 -4.72 20.60 0.19
CA PRO B 75 -5.96 21.02 -0.49
C PRO B 75 -6.91 19.84 -0.68
N ASP B 76 -8.21 20.11 -0.69
CA ASP B 76 -9.24 19.06 -0.62
C ASP B 76 -9.93 18.98 -1.98
N PHE B 77 -9.47 18.09 -2.83
CA PHE B 77 -10.00 17.92 -4.17
C PHE B 77 -11.50 17.67 -4.15
N PHE B 78 -11.96 16.91 -3.16
CA PHE B 78 -13.34 16.45 -3.09
C PHE B 78 -14.27 17.59 -2.65
N LYS B 79 -13.94 18.24 -1.53
CA LYS B 79 -14.84 19.32 -1.06
C LYS B 79 -14.87 20.50 -2.03
N GLN B 80 -13.74 20.78 -2.69
CA GLN B 80 -13.67 21.86 -3.69
C GLN B 80 -14.56 21.61 -4.91
N SER B 81 -14.92 20.35 -5.18
CA SER B 81 -15.66 19.99 -6.39
CA SER B 81 -15.65 20.00 -6.39
C SER B 81 -17.14 20.34 -6.29
N PHE B 82 -17.62 20.69 -5.12
CA PHE B 82 -19.04 21.00 -5.01
C PHE B 82 -19.24 22.47 -5.47
N PRO B 83 -20.43 22.78 -6.01
CA PRO B 83 -21.64 21.96 -5.97
C PRO B 83 -21.74 20.86 -7.03
N GLU B 84 -20.89 20.89 -8.06
CA GLU B 84 -20.99 19.94 -9.17
C GLU B 84 -20.73 18.49 -8.70
N GLY B 85 -19.80 18.34 -7.77
CA GLY B 85 -19.43 17.00 -7.29
C GLY B 85 -18.34 16.34 -8.11
N PHE B 86 -18.15 15.03 -7.95
CA PHE B 86 -17.06 14.35 -8.63
C PHE B 86 -17.49 12.90 -8.86
N THR B 87 -16.69 12.14 -9.61
CA THR B 87 -16.96 10.72 -9.83
C THR B 87 -15.73 9.93 -9.38
N TRP B 88 -15.92 8.64 -9.14
CA TRP B 88 -14.74 7.81 -8.99
C TRP B 88 -14.96 6.52 -9.75
N GLU B 89 -13.87 5.83 -10.06
CA GLU B 89 -13.96 4.59 -10.83
C GLU B 89 -12.77 3.75 -10.37
N ARG B 90 -12.98 2.43 -10.24
CA ARG B 90 -11.94 1.67 -9.48
C ARG B 90 -11.98 0.23 -9.91
N ILE B 91 -10.82 -0.43 -9.88
CA ILE B 91 -10.87 -1.89 -9.94
C ILE B 91 -10.01 -2.47 -8.81
N THR B 92 -10.59 -3.43 -8.09
CA THR B 92 -9.89 -4.12 -6.98
C THR B 92 -9.60 -5.54 -7.44
N THR B 93 -8.35 -5.94 -7.32
CA THR B 93 -7.90 -7.27 -7.75
C THR B 93 -7.54 -8.04 -6.50
N TYR B 94 -8.13 -9.22 -6.38
CA TYR B 94 -7.88 -10.07 -5.17
C TYR B 94 -6.82 -11.10 -5.49
N GLU B 95 -6.18 -11.58 -4.48
CA GLU B 95 -5.10 -12.53 -4.57
C GLU B 95 -5.43 -13.92 -5.24
N ASP B 96 -6.57 -14.46 -4.93
CA ASP B 96 -6.97 -15.83 -5.27
C ASP B 96 -7.79 -15.98 -6.55
N GLY B 97 -7.90 -14.89 -7.14
N GLY B 97 -7.95 -14.82 -7.19
CA GLY B 97 -8.77 -14.77 -8.28
CA GLY B 97 -8.55 -14.67 -8.52
C GLY B 97 -9.96 -13.91 -7.89
C GLY B 97 -9.62 -13.63 -8.94
N GLY B 98 -10.51 -13.21 -8.85
N GLY B 98 -10.27 -13.06 -7.99
CA GLY B 98 -11.68 -12.42 -8.58
CA GLY B 98 -11.51 -12.33 -8.18
C GLY B 98 -11.27 -10.96 -8.59
C GLY B 98 -11.24 -10.87 -8.48
N VAL B 99 -12.14 -10.16 -9.19
CA VAL B 99 -11.95 -8.70 -9.33
C VAL B 99 -13.29 -8.04 -9.07
N LEU B 100 -13.27 -6.90 -8.52
CA LEU B 100 -14.46 -6.14 -8.36
C LEU B 100 -14.27 -4.78 -8.92
N THR B 101 -15.04 -4.41 -9.88
CA THR B 101 -14.93 -3.12 -10.55
C THR B 101 -16.11 -2.28 -10.11
N ALA B 102 -15.91 -0.97 -9.90
CA ALA B 102 -17.05 -0.12 -9.49
C ALA B 102 -16.90 1.26 -10.13
N THR B 103 -18.04 1.86 -10.50
CA THR B 103 -18.06 3.22 -11.05
C THR B 103 -19.11 3.99 -10.25
N GLN B 104 -18.73 5.20 -9.80
CA GLN B 104 -19.56 5.94 -8.84
C GLN B 104 -19.71 7.39 -9.26
N ASP B 105 -20.89 7.97 -9.00
CA ASP B 105 -21.12 9.42 -9.10
C ASP B 105 -21.49 9.99 -7.73
N THR B 106 -20.88 11.12 -7.38
CA THR B 106 -21.15 11.82 -6.12
C THR B 106 -21.76 13.20 -6.53
N SER B 107 -22.96 13.47 -6.05
CA SER B 107 -23.64 14.73 -6.33
CA SER B 107 -23.64 14.74 -6.33
C SER B 107 -24.15 15.36 -5.03
N LEU B 108 -24.71 16.57 -5.14
CA LEU B 108 -25.21 17.24 -3.95
C LEU B 108 -26.60 17.76 -4.34
N GLN B 109 -27.59 17.36 -3.57
CA GLN B 109 -28.99 17.64 -3.89
C GLN B 109 -29.74 18.04 -2.61
N ASN B 110 -30.20 19.28 -2.56
CA ASN B 110 -30.92 19.78 -1.38
C ASN B 110 -30.13 19.61 -0.09
N GLY B 111 -28.83 19.89 -0.12
CA GLY B 111 -28.00 19.81 1.07
C GLY B 111 -27.67 18.37 1.46
N CYS B 112 -28.15 17.39 0.68
CA CYS B 112 -27.83 15.96 0.90
C CYS B 112 -26.85 15.42 -0.18
N ILE B 113 -25.77 14.79 0.27
CA ILE B 113 -24.79 14.16 -0.64
C ILE B 113 -25.40 12.86 -1.15
N ILE B 114 -25.36 12.63 -2.46
CA ILE B 114 -26.02 11.50 -3.07
C ILE B 114 -24.97 10.66 -3.85
N TYR B 115 -24.94 9.36 -3.60
CA TYR B 115 -24.05 8.41 -4.30
C TYR B 115 -24.83 7.46 -5.19
N ASN B 116 -24.34 7.25 -6.40
CA ASN B 116 -24.92 6.29 -7.31
C ASN B 116 -23.78 5.39 -7.77
N VAL B 117 -23.92 4.08 -7.55
CA VAL B 117 -22.80 3.14 -7.72
C VAL B 117 -23.20 1.97 -8.58
N LYS B 118 -22.33 1.53 -9.48
CA LYS B 118 -22.56 0.32 -10.23
C LYS B 118 -21.39 -0.63 -10.01
N ILE B 119 -21.72 -1.89 -9.75
CA ILE B 119 -20.72 -2.90 -9.33
C ILE B 119 -20.67 -4.02 -10.35
N ASN B 120 -19.46 -4.46 -10.71
CA ASN B 120 -19.26 -5.54 -11.63
C ASN B 120 -18.13 -6.40 -11.10
N GLY B 121 -18.47 -7.46 -10.36
CA GLY B 121 -17.46 -8.35 -9.78
C GLY B 121 -17.45 -9.67 -10.54
N VAL B 122 -16.26 -10.17 -10.88
CA VAL B 122 -16.16 -11.35 -11.77
C VAL B 122 -15.08 -12.29 -11.31
N ASN B 123 -15.29 -13.59 -11.59
CA ASN B 123 -14.25 -14.62 -11.43
C ASN B 123 -13.82 -14.89 -10.02
N PHE B 124 -14.63 -14.56 -9.01
CA PHE B 124 -14.25 -15.01 -7.66
C PHE B 124 -14.32 -16.52 -7.57
N PRO B 125 -13.29 -17.16 -7.01
CA PRO B 125 -13.33 -18.63 -7.04
C PRO B 125 -14.60 -19.16 -6.37
N SER B 126 -15.28 -20.10 -7.01
CA SER B 126 -16.61 -20.46 -6.52
C SER B 126 -16.57 -21.08 -5.12
N ASN B 127 -15.45 -21.73 -4.77
CA ASN B 127 -15.32 -22.31 -3.43
C ASN B 127 -14.28 -21.59 -2.57
N GLY B 128 -13.97 -20.34 -2.94
CA GLY B 128 -12.97 -19.57 -2.24
C GLY B 128 -13.55 -18.73 -1.11
N SER B 129 -12.70 -17.93 -0.46
CA SER B 129 -13.06 -17.27 0.78
C SER B 129 -14.19 -16.29 0.61
N VAL B 130 -14.20 -15.59 -0.52
CA VAL B 130 -15.23 -14.58 -0.73
C VAL B 130 -16.59 -15.21 -1.00
N MET B 131 -16.65 -16.18 -1.93
CA MET B 131 -17.97 -16.73 -2.28
C MET B 131 -18.49 -17.65 -1.18
N GLN B 132 -17.57 -18.17 -0.37
CA GLN B 132 -18.04 -19.00 0.78
C GLN B 132 -18.17 -18.22 2.08
N LYS B 133 -18.05 -16.90 2.01
CA LYS B 133 -18.24 -16.03 3.18
C LYS B 133 -17.39 -16.41 4.38
N LYS B 134 -16.09 -16.44 4.18
CA LYS B 134 -15.13 -16.76 5.25
C LYS B 134 -14.30 -15.54 5.65
N THR B 135 -14.83 -14.34 5.44
CA THR B 135 -14.03 -13.12 5.68
C THR B 135 -14.55 -12.37 6.89
N LEU B 136 -13.67 -11.60 7.53
CA LEU B 136 -13.95 -10.99 8.84
C LEU B 136 -13.52 -9.53 8.85
N GLY B 137 -13.60 -8.88 7.69
CA GLY B 137 -13.39 -7.45 7.67
C GLY B 137 -11.96 -7.00 7.39
N TRP B 138 -11.78 -5.68 7.24
CA TRP B 138 -10.55 -5.11 6.68
C TRP B 138 -9.57 -4.56 7.70
N GLU B 139 -8.26 -4.82 7.50
CA GLU B 139 -7.27 -4.07 8.23
C GLU B 139 -7.27 -2.61 7.75
N ALA B 140 -6.67 -1.74 8.56
CA ALA B 140 -6.48 -0.34 8.15
C ALA B 140 -5.51 -0.25 7.01
N ASN B 141 -5.45 0.89 6.34
CA ASN B 141 -4.47 1.07 5.26
C ASN B 141 -4.26 2.54 4.97
N THR B 142 -3.34 2.83 4.05
CA THR B 142 -3.14 4.20 3.62
CA THR B 142 -3.08 4.20 3.61
C THR B 142 -3.18 4.30 2.10
N GLU B 143 -4.13 5.10 1.60
CA GLU B 143 -4.24 5.31 0.18
C GLU B 143 -3.17 6.33 -0.24
N MET B 144 -2.54 6.16 -1.41
CA MET B 144 -1.69 7.23 -1.93
C MET B 144 -2.47 7.95 -3.03
N LEU B 145 -2.42 9.29 -3.03
CA LEU B 145 -3.18 10.05 -3.99
C LEU B 145 -2.22 11.03 -4.66
N TYR B 146 -2.29 11.16 -5.97
CA TYR B 146 -1.56 12.26 -6.63
C TYR B 146 -2.24 12.64 -7.90
N PRO B 147 -1.93 13.85 -8.43
CA PRO B 147 -2.60 14.25 -9.66
C PRO B 147 -2.25 13.36 -10.83
N ALA B 148 -3.24 13.08 -11.64
CA ALA B 148 -2.97 12.47 -12.89
C ALA B 148 -3.62 12.77 -14.21
N ASP B 149 -3.79 11.79 -15.10
CA ASP B 149 -4.67 11.84 -16.22
C ASP B 149 -6.02 12.59 -16.07
N GLY B 150 -6.03 13.86 -15.85
CA GLY B 150 -7.31 14.51 -15.63
C GLY B 150 -8.09 14.32 -14.31
N GLY B 151 -7.41 14.37 -13.19
CA GLY B 151 -8.05 14.16 -11.93
C GLY B 151 -7.04 13.78 -10.87
N LEU B 152 -7.47 12.97 -9.92
CA LEU B 152 -6.54 12.47 -8.90
C LEU B 152 -6.50 10.97 -9.10
N ARG B 153 -5.31 10.40 -8.98
CA ARG B 153 -5.13 8.96 -9.06
C ARG B 153 -4.90 8.44 -7.66
N GLY B 154 -5.63 7.38 -7.30
CA GLY B 154 -5.41 6.72 -6.03
C GLY B 154 -4.85 5.31 -6.26
N HIS B 155 -3.97 4.89 -5.36
CA HIS B 155 -3.55 3.48 -5.33
C HIS B 155 -3.59 2.99 -3.90
N SER B 156 -4.04 1.75 -3.70
CA SER B 156 -4.26 1.26 -2.37
C SER B 156 -3.94 -0.24 -2.32
N GLN B 157 -3.56 -0.70 -1.16
CA GLN B 157 -3.61 -2.15 -0.95
C GLN B 157 -4.33 -2.41 0.37
N MET B 158 -5.02 -3.57 0.48
CA MET B 158 -5.73 -3.83 1.70
C MET B 158 -5.67 -5.35 1.99
N ALA B 159 -5.86 -5.69 3.26
CA ALA B 159 -5.80 -7.08 3.69
C ALA B 159 -7.13 -7.40 4.32
N LEU B 160 -7.74 -8.50 3.87
CA LEU B 160 -9.06 -8.95 4.39
C LEU B 160 -8.79 -10.09 5.34
N LYS B 161 -9.25 -9.95 6.59
CA LYS B 161 -9.07 -11.02 7.58
C LYS B 161 -9.88 -12.25 7.23
N LEU B 162 -9.32 -13.45 7.46
CA LEU B 162 -10.04 -14.70 7.15
C LEU B 162 -10.34 -15.48 8.45
N VAL B 163 -11.41 -16.26 8.41
CA VAL B 163 -11.76 -17.17 9.50
CA VAL B 163 -11.74 -17.13 9.55
C VAL B 163 -10.61 -18.14 9.66
N GLY B 164 -10.28 -18.53 10.87
N GLY B 164 -10.13 -18.38 10.86
CA GLY B 164 -9.27 -19.57 11.04
CA GLY B 164 -8.89 -19.16 10.97
C GLY B 164 -7.88 -19.08 10.69
C GLY B 164 -7.61 -18.33 11.10
N GLY B 165 -7.76 -17.78 10.44
N GLY B 165 -7.68 -17.01 10.85
CA GLY B 165 -6.47 -17.14 10.45
CA GLY B 165 -6.60 -16.14 11.26
C GLY B 165 -5.90 -16.81 9.09
C GLY B 165 -5.63 -15.64 10.18
N GLY B 166 -5.02 -15.81 9.09
N GLY B 166 -5.84 -16.08 8.93
CA GLY B 166 -4.40 -15.35 7.87
CA GLY B 166 -5.03 -15.69 7.76
C GLY B 166 -5.22 -14.25 7.23
C GLY B 166 -5.57 -14.44 7.06
N TYR B 167 -4.95 -14.01 5.95
CA TYR B 167 -5.41 -12.77 5.26
C TYR B 167 -5.53 -13.05 3.78
N LEU B 168 -6.41 -12.31 3.10
CA LEU B 168 -6.52 -12.36 1.67
C LEU B 168 -6.12 -10.95 1.19
N HIS B 169 -5.06 -10.83 0.38
CA HIS B 169 -4.60 -9.51 -0.05
C HIS B 169 -5.37 -9.02 -1.27
N CYS B 170 -5.54 -7.69 -1.38
CA CYS B 170 -6.04 -7.14 -2.63
C CYS B 170 -5.36 -5.80 -2.90
N SER B 171 -5.47 -5.31 -4.13
CA SER B 171 -4.96 -3.95 -4.35
C SER B 171 -5.98 -3.29 -5.24
N PHE B 172 -6.01 -1.96 -5.23
CA PHE B 172 -6.84 -1.31 -6.23
C PHE B 172 -6.27 0.02 -6.73
N LYS B 173 -6.78 0.44 -7.88
CA LYS B 173 -6.37 1.67 -8.55
C LYS B 173 -7.64 2.44 -8.80
N THR B 174 -7.66 3.71 -8.40
CA THR B 174 -8.87 4.53 -8.53
C THR B 174 -8.54 5.79 -9.33
N THR B 175 -9.49 6.27 -10.13
CA THR B 175 -9.37 7.63 -10.65
C THR B 175 -10.57 8.46 -10.20
N TYR B 176 -10.29 9.62 -9.60
CA TYR B 176 -11.33 10.56 -9.12
C TYR B 176 -11.36 11.73 -10.10
N ARG B 177 -12.56 12.14 -10.54
CA ARG B 177 -12.68 13.13 -11.61
C ARG B 177 -13.65 14.17 -11.11
N SER B 178 -13.23 15.43 -11.09
CA SER B 178 -14.12 16.50 -10.69
C SER B 178 -15.08 16.86 -11.81
N LYS B 179 -16.30 17.20 -11.42
CA LYS B 179 -17.32 17.66 -12.37
C LYS B 179 -17.30 19.20 -12.46
N LYS B 180 -16.40 19.83 -11.72
CA LYS B 180 -16.24 21.28 -11.72
C LYS B 180 -15.10 21.65 -12.66
N PRO B 181 -15.22 22.78 -13.39
CA PRO B 181 -14.11 23.20 -14.24
C PRO B 181 -12.82 23.30 -13.43
N ALA B 182 -11.69 22.92 -14.03
CA ALA B 182 -10.42 22.76 -13.33
C ALA B 182 -9.74 24.09 -13.01
N LYS B 183 -10.20 25.16 -13.66
CA LYS B 183 -9.68 26.50 -13.40
C LYS B 183 -9.97 26.87 -11.96
N ASN B 184 -11.00 26.24 -11.39
CA ASN B 184 -11.51 26.60 -10.08
C ASN B 184 -11.12 25.58 -9.01
N LEU B 185 -10.00 24.89 -9.22
CA LEU B 185 -9.53 23.90 -8.25
C LEU B 185 -8.06 24.16 -7.90
N LYS B 186 -7.77 24.14 -6.61
CA LYS B 186 -6.39 24.14 -6.12
C LYS B 186 -5.98 22.67 -5.95
N MET B 187 -5.14 22.14 -6.82
CA MET B 187 -4.87 20.69 -6.81
C MET B 187 -3.87 20.34 -5.69
N PRO B 188 -4.15 19.26 -4.92
CA PRO B 188 -3.18 18.82 -3.90
C PRO B 188 -1.97 18.18 -4.58
N GLY B 189 -0.85 18.11 -3.87
CA GLY B 189 0.27 17.33 -4.38
C GLY B 189 0.12 15.90 -3.86
N PHE B 190 1.16 15.12 -4.09
CA PHE B 190 1.22 13.75 -3.58
C PHE B 190 0.97 13.74 -2.07
N HIS B 191 0.07 12.86 -1.62
CA HIS B 191 -0.10 12.68 -0.18
C HIS B 191 -0.84 11.37 0.12
N PHE B 192 -1.09 11.15 1.40
CA PHE B 192 -1.72 9.93 1.88
C PHE B 192 -3.09 10.19 2.53
N VAL B 193 -3.96 9.18 2.46
CA VAL B 193 -5.17 9.19 3.29
C VAL B 193 -5.08 7.92 4.17
N ASP B 194 -4.94 8.13 5.47
CA ASP B 194 -4.83 7.10 6.48
C ASP B 194 -6.28 6.76 6.85
N HIS B 195 -6.73 5.65 6.76
CA HIS B 195 -8.07 5.04 6.67
C HIS B 195 -8.30 4.12 7.87
N ARG B 196 -9.51 3.91 8.24
CA ARG B 196 -9.95 2.69 8.89
C ARG B 196 -11.44 2.49 8.70
N LEU B 197 -11.80 1.25 8.38
CA LEU B 197 -13.20 0.86 8.13
C LEU B 197 -13.64 -0.03 9.28
N GLU B 198 -14.66 0.38 10.02
CA GLU B 198 -15.15 -0.39 11.18
C GLU B 198 -16.57 -0.88 10.98
N ARG B 199 -16.77 -2.19 11.10
CA ARG B 199 -18.13 -2.74 11.11
C ARG B 199 -18.81 -2.40 12.46
N ILE B 200 -20.02 -1.88 12.41
CA ILE B 200 -20.75 -1.49 13.64
C ILE B 200 -21.75 -2.60 13.98
N LYS B 201 -22.54 -3.06 13.01
CA LYS B 201 -23.37 -4.24 13.21
C LYS B 201 -23.87 -4.79 11.92
N GLU B 202 -24.40 -5.99 11.97
CA GLU B 202 -25.09 -6.58 10.84
C GLU B 202 -26.25 -7.45 11.33
N ALA B 203 -27.30 -7.52 10.52
CA ALA B 203 -28.42 -8.38 10.84
C ALA B 203 -28.91 -9.10 9.58
N ASP B 204 -29.56 -10.24 9.79
CA ASP B 204 -30.25 -10.98 8.75
CA ASP B 204 -30.25 -10.95 8.71
C ASP B 204 -29.28 -11.36 7.61
N LYS B 205 -28.16 -11.98 7.98
CA LYS B 205 -27.16 -12.46 7.03
CA LYS B 205 -27.14 -12.46 7.04
C LYS B 205 -26.69 -11.29 6.16
N GLU B 206 -26.31 -10.21 6.84
CA GLU B 206 -25.76 -8.99 6.19
C GLU B 206 -26.73 -8.35 5.20
N THR B 207 -28.02 -8.51 5.46
CA THR B 207 -29.03 -7.75 4.70
C THR B 207 -29.07 -6.31 5.20
N TYR B 208 -28.76 -6.14 6.49
CA TYR B 208 -28.65 -4.81 7.04
C TYR B 208 -27.26 -4.71 7.64
N VAL B 209 -26.51 -3.69 7.24
CA VAL B 209 -25.16 -3.54 7.75
C VAL B 209 -24.90 -2.10 8.11
N GLU B 210 -24.29 -1.88 9.27
CA GLU B 210 -23.87 -0.54 9.64
C GLU B 210 -22.37 -0.50 9.68
N GLN B 211 -21.79 0.53 9.07
CA GLN B 211 -20.35 0.61 8.77
C GLN B 211 -19.90 2.05 9.06
N HIS B 212 -18.72 2.21 9.65
CA HIS B 212 -18.19 3.50 10.06
C HIS B 212 -16.78 3.68 9.44
N GLU B 213 -16.39 4.89 9.09
CA GLU B 213 -15.02 5.12 8.63
C GLU B 213 -14.43 6.34 9.31
N MET B 214 -13.13 6.31 9.54
CA MET B 214 -12.37 7.50 9.88
C MET B 214 -11.28 7.67 8.82
N ALA B 215 -11.06 8.89 8.34
CA ALA B 215 -10.08 9.14 7.28
C ALA B 215 -9.36 10.47 7.48
N VAL B 216 -8.03 10.43 7.40
CA VAL B 216 -7.20 11.62 7.59
C VAL B 216 -6.17 11.76 6.50
N ALA B 217 -6.21 12.88 5.79
CA ALA B 217 -5.22 13.19 4.78
C ALA B 217 -3.99 13.78 5.44
N LYS B 218 -2.81 13.27 5.06
CA LYS B 218 -1.55 13.72 5.65
C LYS B 218 -0.36 13.39 4.78
N TYR B 219 0.78 13.98 5.11
CA TYR B 219 2.04 13.61 4.48
C TYR B 219 2.71 12.52 5.31
N CYS B 220 3.84 12.03 4.82
CA CYS B 220 4.69 11.10 5.59
C CYS B 220 4.78 11.57 7.03
N ASP B 221 4.60 10.67 7.98
CA ASP B 221 4.56 11.06 9.39
C ASP B 221 5.87 10.82 10.12
N LEU B 222 6.92 10.49 9.41
CA LEU B 222 8.17 10.19 10.08
C LEU B 222 8.86 11.46 10.51
N PRO B 223 9.40 11.47 11.72
CA PRO B 223 10.31 12.50 12.17
C PRO B 223 11.27 12.95 11.09
N SER B 224 11.32 14.24 10.81
CA SER B 224 12.52 14.84 10.23
C SER B 224 13.73 14.03 10.68
C1 GOL C . -1.73 2.43 8.62
O1 GOL C . -1.18 2.26 7.33
C2 GOL C . -0.90 3.43 9.44
O2 GOL C . -0.13 2.85 10.49
C3 GOL C . -1.86 4.37 10.10
O3 GOL C . -2.95 3.58 10.46
H11 GOL C . -1.78 1.47 9.14
H12 GOL C . -2.77 2.80 8.53
HO1 GOL C . -0.18 2.25 7.40
H2 GOL C . -0.20 3.90 8.73
HO2 GOL C . 0.38 3.56 10.97
H31 GOL C . -2.16 5.19 9.42
H32 GOL C . -1.40 4.85 10.99
HO3 GOL C . -3.75 3.85 9.92
C1 GOL D . -25.53 -17.89 4.98
O1 GOL D . -25.32 -16.52 5.17
C2 GOL D . -24.78 -18.60 6.09
O2 GOL D . -23.67 -19.09 5.43
C3 GOL D . -25.61 -19.72 6.74
O3 GOL D . -25.32 -19.79 8.12
H11 GOL D . -25.16 -18.22 4.00
H12 GOL D . -26.60 -18.14 5.02
HO1 GOL D . -24.51 -16.37 5.74
H2 GOL D . -24.55 -17.93 6.93
HO2 GOL D . -22.93 -19.25 6.09
H31 GOL D . -25.38 -20.68 6.25
H32 GOL D . -26.68 -19.53 6.59
HO3 GOL D . -25.86 -20.53 8.54
#